data_8VY1
#
_entry.id   8VY1
#
_cell.length_a   37.261
_cell.length_b   184.761
_cell.length_c   108.100
_cell.angle_alpha   90.000
_cell.angle_beta   90.000
_cell.angle_gamma   90.000
#
_symmetry.space_group_name_H-M   'C 2 2 21'
#
loop_
_entity.id
_entity.type
_entity.pdbx_description
1 polymer 'Chains: A,B,C'
2 non-polymer 'POTASSIUM ION'
3 non-polymer 3-(2-{[(2-fluorophenyl)methyl]amino}-2-oxoethyl)-2-[(E)-(1-methylquinolin-4(1H)-ylidene)methyl]-1,3-benzothiazol-3-ium
4 water water
#
_entity_poly.entity_id   1
_entity_poly.type   'polyribonucleotide'
_entity_poly.pdbx_seq_one_letter_code
;GCGUACGAAGGAGAGGAGAGGAAGAGGAGAGUACGC
;
_entity_poly.pdbx_strand_id   A,B,C
#
loop_
_chem_comp.id
_chem_comp.type
_chem_comp.name
_chem_comp.formula
A RNA linking ADENOSINE-5'-MONOPHOSPHATE 'C10 H14 N5 O7 P'
A1AEF non-polymer 3-(2-{[(2-fluorophenyl)methyl]amino}-2-oxoethyl)-2-[(E)-(1-methylquinolin-4(1H)-ylidene)methyl]-1,3-benzothiazol-3-ium 'C27 H23 F N3 O S 1'
C RNA linking CYTIDINE-5'-MONOPHOSPHATE 'C9 H14 N3 O8 P'
G RNA linking GUANOSINE-5'-MONOPHOSPHATE 'C10 H14 N5 O8 P'
K non-polymer 'POTASSIUM ION' 'K 1'
U RNA linking URIDINE-5'-MONOPHOSPHATE 'C9 H13 N2 O9 P'
#
# COMPACT_ATOMS: atom_id res chain seq x y z
K K D . 4.45 14.43 12.35
K K E . 3.37 13.01 15.53
K K F . 2.36 11.79 18.43
K K G . -23.75 24.01 13.89
K K H . -24.53 15.58 21.23
C1 A1AEF I . 5.42 23.87 9.30
C2 A1AEF I . 3.99 21.97 8.84
C3 A1AEF I . 3.77 20.63 8.60
C4 A1AEF I . 4.78 19.71 8.82
C7 A1AEF I . 1.63 16.67 6.72
C8 A1AEF I . 0.37 16.22 6.33
C9 A1AEF I . 0.29 14.96 5.78
C11 A1AEF I . 2.67 14.59 6.01
C12 A1AEF I . 2.77 15.86 6.57
C13 A1AEF I . 5.27 16.01 6.67
C14 A1AEF I . 6.06 15.54 7.86
C16 A1AEF I . 9.43 15.41 8.83
C17 A1AEF I . 10.59 14.82 9.34
C18 A1AEF I . 11.70 15.61 9.63
C19 A1AEF I . 11.67 16.97 9.40
C20 A1AEF I . 10.54 17.57 8.90
C21 A1AEF I . 9.45 16.78 8.63
C22 A1AEF I . 5.97 20.15 9.47
C23 A1AEF I . 7.00 19.28 9.89
C26 A1AEF I . 7.32 22.01 10.31
C27 A1AEF I . 6.15 21.54 9.69
C10 A1AEF I . 1.42 14.16 5.63
C15 A1AEF I . 8.21 14.57 8.53
C24 A1AEF I . 8.12 19.76 10.50
C25 A1AEF I . 8.28 21.13 10.71
C5 A1AEF I . 4.67 18.33 8.42
C6 A1AEF I . 3.70 17.65 7.68
F1 A1AEF I . 8.33 17.36 8.14
N1 A1AEF I . 5.17 22.41 9.27
N2 A1AEF I . 3.93 16.50 7.00
N3 A1AEF I . 7.31 15.19 7.57
O1 A1AEF I . 5.58 15.50 9.00
S1 A1AEF I . 2.05 18.19 7.44
K K J . -5.05 -10.93 1.45
K K K . -2.94 -10.29 -1.35
C1 A1AEF L . -13.77 -6.67 2.65
C2 A1AEF L . -13.08 -8.99 2.68
C3 A1AEF L . -12.31 -10.05 3.09
C4 A1AEF L . -11.25 -9.84 3.95
C7 A1AEF L . -10.42 -14.52 3.01
C8 A1AEF L . -10.57 -15.69 2.29
C9 A1AEF L . -9.89 -16.81 2.74
C11 A1AEF L . -8.93 -15.59 4.60
C12 A1AEF L . -9.60 -14.45 4.16
C13 A1AEF L . -8.89 -12.91 6.00
C14 A1AEF L . -7.68 -12.04 5.81
C16 A1AEF L . -6.14 -9.12 6.91
C17 A1AEF L . -6.29 -7.80 7.30
C18 A1AEF L . -5.51 -7.29 8.34
C19 A1AEF L . -4.57 -8.09 8.97
C20 A1AEF L . -4.40 -9.40 8.59
C21 A1AEF L . -5.18 -9.89 7.57
C22 A1AEF L . -10.98 -8.51 4.40
C23 A1AEF L . -9.92 -8.19 5.28
C26 A1AEF L . -11.58 -6.15 4.39
C27 A1AEF L . -11.82 -7.47 3.97
C10 A1AEF L . -9.09 -16.75 3.88
C15 A1AEF L . -6.97 -9.70 5.80
C24 A1AEF L . -9.71 -6.91 5.68
C25 A1AEF L . -10.54 -5.88 5.24
C5 A1AEF L . -10.40 -10.90 4.41
C6 A1AEF L . -10.31 -12.26 4.05
F1 A1AEF L . -5.04 -11.17 7.19
N1 A1AEF L . -12.88 -7.75 3.10
N2 A1AEF L . -9.59 -13.19 4.75
N3 A1AEF L . -7.83 -10.78 6.23
O1 A1AEF L . -6.65 -12.46 5.30
S1 A1AEF L . -11.13 -12.97 2.69
K K M . 0.49 -9.20 -6.74
K K N . 2.42 -8.56 -9.89
K K O . -1.07 -9.67 -4.29
C1 A1AEF P . 3.83 -14.49 -17.80
C2 A1AEF P . 5.18 -13.20 -16.28
C3 A1AEF P . 5.53 -12.06 -15.60
C4 A1AEF P . 4.74 -10.94 -15.67
C7 A1AEF P . 8.11 -9.09 -12.73
C8 A1AEF P . 9.13 -9.16 -11.78
C9 A1AEF P . 9.56 -7.98 -11.21
C11 A1AEF P . 7.98 -6.68 -12.50
C12 A1AEF P . 7.54 -7.86 -13.08
C13 A1AEF P . 5.87 -6.87 -14.70
C14 A1AEF P . 4.55 -6.54 -14.06
C16 A1AEF P . 3.42 -3.66 -16.15
C17 A1AEF P . 3.93 -2.55 -16.80
C18 A1AEF P . 3.10 -1.48 -17.11
C19 A1AEF P . 1.77 -1.51 -16.77
C20 A1AEF P . 1.24 -2.60 -16.12
C21 A1AEF P . 2.07 -3.65 -15.83
C22 A1AEF P . 3.50 -11.01 -16.38
C23 A1AEF P . 2.58 -9.95 -16.44
C26 A1AEF P . 1.99 -12.32 -17.78
C27 A1AEF P . 3.19 -12.21 -17.07
C10 A1AEF P . 8.98 -6.77 -11.57
C15 A1AEF P . 4.31 -4.83 -15.80
C24 A1AEF P . 1.41 -10.07 -17.14
C25 A1AEF P . 1.11 -11.26 -17.81
C5 A1AEF P . 5.11 -9.69 -15.07
C6 A1AEF P . 6.22 -9.30 -14.31
F1 A1AEF P . 1.56 -4.72 -15.17
N1 A1AEF P . 4.09 -13.27 -17.02
N2 A1AEF P . 6.54 -8.00 -14.05
N3 A1AEF P . 3.87 -5.54 -14.61
O1 A1AEF P . 4.14 -7.19 -13.08
S1 A1AEF P . 7.38 -10.39 -13.61
#